data_6EF4
#
_entry.id   6EF4
#
_cell.length_a   122.523
_cell.length_b   122.523
_cell.length_c   160.963
_cell.angle_alpha   90.000
_cell.angle_beta   90.000
_cell.angle_gamma   90.000
#
_symmetry.space_group_name_H-M   'P 43 21 2'
#
_entity_poly.entity_id   1
_entity_poly.type   'polypeptide(L)'
_entity_poly.pdbx_seq_one_letter_code
;GMAAADGDDSLYPIAVLIDELRNEDVQLRLNSIKKLSTIALALGVERTRSELLPFLTDTIYDEDEVLLALAEQLGTFTTL
VGGPEYVHCLLPPLESLATVEETVVRDKAVESLRAISHEHSPSDLEAHFVPLVKRLAGGDWFTSRTSACGLFSVCYPRVS
SAVKAELRQYFRNLCSDDTRMVRRAAASKLGEFAKVLELDNVKSEIIPMFSNLASDEQDSVRLLAVEACVNIAQLLPQED
LEALVMPTLRQAAEDKSWRVRYMVADKFTELQKAVGPEITKTDLVPAFQNLMKDCEAEVRAAASHKVKEFCENLSADCRE
NVIMTQILPCIKELVSDANQHVKSALASVIMGLSPILGKDNTIEHLLPLFLAQLKDECPEVRLNIISNLDCVNEVIGIRQ
LSQSLLPAIVELAEDAKWRVRLAIIEYMPLLAGQLGVEFFDEKLNSLCMAWLVDHVYAIREAATSNLKKLVEKFGKEWAH
ATIIPKVLAMSGDPNYLHRMTTLFCINVLSEVCGQDITTKHMLPTVLRMAGDPVANVRFNVAKSLQKIGPILDNSTLQSE
VKPILEKLTQDQDVDVKYFAQEALTVLSLA
;
_entity_poly.pdbx_strand_id   A
#
# COMPACT_ATOMS: atom_id res chain seq x y z
N LEU A 17 -27.11 31.44 -4.39
CA LEU A 17 -26.97 30.07 -3.83
C LEU A 17 -27.60 29.05 -4.79
N ILE A 18 -28.83 29.35 -5.24
CA ILE A 18 -29.55 28.51 -6.19
C ILE A 18 -28.94 28.70 -7.57
N ASP A 19 -28.25 29.82 -7.77
CA ASP A 19 -27.68 30.19 -9.06
C ASP A 19 -26.36 29.47 -9.28
N GLU A 20 -25.82 28.87 -8.22
CA GLU A 20 -24.54 28.18 -8.27
C GLU A 20 -24.73 26.77 -8.85
N LEU A 21 -25.99 26.32 -8.94
CA LEU A 21 -26.33 25.03 -9.48
C LEU A 21 -26.14 25.05 -11.00
N ARG A 22 -26.97 25.85 -11.68
CA ARG A 22 -27.06 25.87 -13.13
C ARG A 22 -25.94 26.73 -13.72
N ASN A 23 -24.76 26.65 -13.10
CA ASN A 23 -23.56 27.33 -13.56
C ASN A 23 -22.97 26.54 -14.74
N GLU A 24 -22.16 27.24 -15.54
CA GLU A 24 -21.35 26.62 -16.58
C GLU A 24 -19.92 26.46 -16.07
N ASP A 25 -19.62 27.10 -14.94
CA ASP A 25 -18.33 27.02 -14.29
C ASP A 25 -18.23 25.69 -13.54
N VAL A 26 -17.15 24.94 -13.81
CA VAL A 26 -17.00 23.57 -13.35
C VAL A 26 -16.75 23.54 -11.83
N GLN A 27 -16.08 24.58 -11.33
CA GLN A 27 -15.66 24.64 -9.93
C GLN A 27 -16.83 25.10 -9.05
N LEU A 28 -17.73 25.90 -9.62
CA LEU A 28 -18.83 26.51 -8.88
C LEU A 28 -19.96 25.49 -8.66
N ARG A 29 -20.00 24.45 -9.51
CA ARG A 29 -20.99 23.39 -9.40
C ARG A 29 -20.55 22.38 -8.34
N LEU A 30 -19.24 22.31 -8.09
CA LEU A 30 -18.67 21.41 -7.11
C LEU A 30 -18.94 21.95 -5.71
N ASN A 31 -18.68 23.25 -5.51
CA ASN A 31 -18.84 23.91 -4.22
C ASN A 31 -20.33 24.17 -3.94
N SER A 32 -21.18 23.76 -4.89
CA SER A 32 -22.62 23.91 -4.76
C SER A 32 -23.25 22.60 -4.30
N ILE A 33 -22.66 21.48 -4.73
CA ILE A 33 -23.19 20.15 -4.48
C ILE A 33 -22.45 19.50 -3.32
N LYS A 34 -21.14 19.74 -3.24
CA LYS A 34 -20.35 19.26 -2.11
C LYS A 34 -20.75 20.03 -0.85
N LYS A 35 -21.56 21.07 -1.03
CA LYS A 35 -22.14 21.84 0.06
C LYS A 35 -23.66 21.82 -0.06
N LEU A 36 -24.21 20.68 -0.51
CA LEU A 36 -25.63 20.55 -0.74
C LEU A 36 -26.36 20.26 0.58
N SER A 37 -25.62 19.74 1.57
CA SER A 37 -26.18 19.27 2.82
C SER A 37 -26.65 20.43 3.70
N THR A 38 -26.23 21.65 3.35
CA THR A 38 -26.52 22.83 4.16
C THR A 38 -27.56 23.72 3.47
N ILE A 39 -27.89 23.39 2.22
CA ILE A 39 -28.98 24.06 1.51
C ILE A 39 -30.31 23.44 1.94
N ALA A 40 -30.25 22.18 2.40
CA ALA A 40 -31.41 21.49 2.92
C ALA A 40 -31.65 21.88 4.38
N LEU A 41 -30.61 22.43 5.02
CA LEU A 41 -30.72 22.99 6.36
C LEU A 41 -31.43 24.33 6.30
N ALA A 42 -31.12 25.13 5.26
CA ALA A 42 -31.69 26.46 5.09
C ALA A 42 -33.08 26.36 4.47
N LEU A 43 -33.19 25.60 3.37
CA LEU A 43 -34.48 25.31 2.75
C LEU A 43 -35.25 24.35 3.64
N GLY A 44 -36.57 24.58 3.76
CA GLY A 44 -37.42 23.76 4.62
C GLY A 44 -37.08 22.28 4.49
N VAL A 45 -36.80 21.63 5.63
CA VAL A 45 -36.52 20.20 5.68
C VAL A 45 -37.74 19.44 5.17
N GLU A 46 -38.87 20.14 5.14
CA GLU A 46 -40.12 19.65 4.59
C GLU A 46 -40.20 20.05 3.11
N ARG A 47 -39.62 21.21 2.79
CA ARG A 47 -39.66 21.75 1.43
C ARG A 47 -38.65 21.03 0.55
N THR A 48 -37.58 20.53 1.18
CA THR A 48 -36.46 19.88 0.52
C THR A 48 -36.97 18.78 -0.41
N ARG A 49 -37.93 18.00 0.06
CA ARG A 49 -38.41 16.83 -0.66
C ARG A 49 -39.48 17.20 -1.67
N SER A 50 -40.07 18.41 -1.53
CA SER A 50 -41.17 18.83 -2.38
C SER A 50 -40.68 19.74 -3.50
N GLU A 51 -39.47 20.31 -3.35
CA GLU A 51 -38.94 21.29 -4.28
C GLU A 51 -37.59 20.86 -4.83
N LEU A 52 -36.65 20.55 -3.92
CA LEU A 52 -35.24 20.38 -4.25
C LEU A 52 -35.01 19.08 -5.04
N LEU A 53 -35.52 17.96 -4.51
CA LEU A 53 -35.24 16.64 -5.05
C LEU A 53 -35.83 16.48 -6.45
N PRO A 54 -37.05 17.00 -6.74
CA PRO A 54 -37.56 17.04 -8.12
C PRO A 54 -36.60 17.62 -9.16
N PHE A 55 -35.84 18.64 -8.75
CA PHE A 55 -34.90 19.30 -9.66
C PHE A 55 -33.63 18.45 -9.79
N LEU A 56 -33.30 17.68 -8.75
CA LEU A 56 -32.08 16.90 -8.72
C LEU A 56 -32.29 15.52 -9.33
N THR A 57 -33.38 15.36 -10.10
CA THR A 57 -33.72 14.07 -10.70
C THR A 57 -33.38 14.06 -12.19
N ASP A 58 -33.88 15.07 -12.91
CA ASP A 58 -33.91 15.03 -14.36
C ASP A 58 -33.34 16.33 -14.94
N THR A 59 -32.26 16.82 -14.34
CA THR A 59 -31.51 17.94 -14.88
C THR A 59 -30.02 17.64 -14.84
N ILE A 60 -29.65 16.62 -14.05
CA ILE A 60 -28.24 16.33 -13.79
C ILE A 60 -27.66 15.48 -14.92
N TYR A 61 -26.99 16.17 -15.84
CA TYR A 61 -26.08 15.58 -16.80
C TYR A 61 -24.86 16.50 -16.89
N ASP A 62 -23.77 16.08 -16.24
CA ASP A 62 -22.60 16.93 -16.08
C ASP A 62 -21.33 16.11 -16.19
N GLU A 63 -20.25 16.64 -15.61
CA GLU A 63 -18.99 15.94 -15.42
C GLU A 63 -19.25 14.74 -14.51
N ASP A 64 -18.43 13.69 -14.68
CA ASP A 64 -18.47 12.53 -13.81
C ASP A 64 -17.84 12.90 -12.47
N GLU A 65 -17.56 14.20 -12.28
CA GLU A 65 -16.98 14.72 -11.05
C GLU A 65 -18.11 15.11 -10.10
N VAL A 66 -19.11 15.81 -10.63
CA VAL A 66 -20.20 16.34 -9.82
C VAL A 66 -21.23 15.23 -9.57
N LEU A 67 -21.33 14.29 -10.52
CA LEU A 67 -22.26 13.17 -10.38
C LEU A 67 -21.77 12.22 -9.29
N LEU A 68 -20.44 12.14 -9.12
CA LEU A 68 -19.86 11.34 -8.05
C LEU A 68 -20.05 12.04 -6.71
N ALA A 69 -20.27 13.36 -6.76
CA ALA A 69 -20.50 14.16 -5.57
C ALA A 69 -21.95 14.03 -5.13
N LEU A 70 -22.86 13.95 -6.11
CA LEU A 70 -24.29 13.92 -5.85
C LEU A 70 -24.67 12.60 -5.20
N ALA A 71 -24.25 11.49 -5.82
CA ALA A 71 -24.49 10.16 -5.27
C ALA A 71 -23.96 10.10 -3.85
N GLU A 72 -22.79 10.73 -3.62
CA GLU A 72 -22.12 10.72 -2.33
C GLU A 72 -22.99 11.44 -1.29
N GLN A 73 -23.61 12.54 -1.72
CA GLN A 73 -24.36 13.44 -0.86
C GLN A 73 -25.66 12.79 -0.42
N LEU A 74 -26.38 12.20 -1.39
CA LEU A 74 -27.70 11.64 -1.16
C LEU A 74 -27.62 10.47 -0.18
N GLY A 75 -26.40 10.02 0.11
CA GLY A 75 -26.17 8.91 1.01
C GLY A 75 -26.44 9.27 2.47
N THR A 76 -26.40 10.58 2.76
CA THR A 76 -26.50 11.07 4.12
C THR A 76 -27.74 11.95 4.27
N PHE A 77 -28.46 12.16 3.16
CA PHE A 77 -29.63 13.01 3.12
C PHE A 77 -30.79 12.41 3.93
N THR A 78 -30.56 11.22 4.50
CA THR A 78 -31.60 10.42 5.12
C THR A 78 -32.37 11.22 6.18
N THR A 79 -31.66 12.09 6.92
CA THR A 79 -32.26 12.82 8.03
C THR A 79 -32.92 14.10 7.53
N LEU A 80 -32.31 14.71 6.51
CA LEU A 80 -32.70 16.05 6.06
C LEU A 80 -33.92 15.97 5.15
N VAL A 81 -34.48 14.77 4.99
CA VAL A 81 -35.66 14.58 4.15
C VAL A 81 -36.89 14.42 5.04
N GLY A 82 -36.67 14.08 6.31
CA GLY A 82 -37.73 13.95 7.28
C GLY A 82 -37.63 12.65 8.08
N GLY A 83 -36.46 12.01 8.01
CA GLY A 83 -36.22 10.75 8.69
C GLY A 83 -36.83 9.57 7.94
N PRO A 84 -36.81 8.35 8.53
CA PRO A 84 -37.19 7.13 7.83
C PRO A 84 -38.58 7.12 7.16
N GLU A 85 -39.41 8.12 7.50
CA GLU A 85 -40.77 8.18 6.98
C GLU A 85 -40.76 8.66 5.54
N TYR A 86 -39.67 9.34 5.14
CA TYR A 86 -39.60 9.95 3.83
C TYR A 86 -38.29 9.59 3.12
N VAL A 87 -37.67 8.46 3.48
CA VAL A 87 -36.44 8.05 2.83
C VAL A 87 -36.73 7.62 1.39
N HIS A 88 -37.93 7.07 1.16
CA HIS A 88 -38.27 6.40 -0.08
C HIS A 88 -38.33 7.37 -1.25
N CYS A 89 -38.07 8.66 -1.00
CA CYS A 89 -38.06 9.64 -2.07
C CYS A 89 -36.64 10.15 -2.33
N LEU A 90 -35.65 9.40 -1.83
CA LEU A 90 -34.27 9.54 -2.25
C LEU A 90 -33.97 8.51 -3.34
N LEU A 91 -34.98 7.70 -3.69
CA LEU A 91 -34.79 6.58 -4.59
C LEU A 91 -34.75 7.04 -6.05
N PRO A 92 -35.78 7.75 -6.56
CA PRO A 92 -35.77 8.21 -7.95
C PRO A 92 -34.48 8.88 -8.45
N PRO A 93 -33.81 9.78 -7.68
CA PRO A 93 -32.52 10.35 -8.11
C PRO A 93 -31.36 9.36 -8.11
N LEU A 94 -31.35 8.44 -7.13
CA LEU A 94 -30.29 7.45 -7.03
C LEU A 94 -30.49 6.36 -8.09
N GLU A 95 -31.75 6.14 -8.50
CA GLU A 95 -32.07 5.15 -9.50
C GLU A 95 -31.55 5.62 -10.87
N SER A 96 -31.49 6.94 -11.04
CA SER A 96 -30.99 7.56 -12.26
C SER A 96 -29.47 7.48 -12.28
N LEU A 97 -28.85 7.67 -11.12
CA LEU A 97 -27.40 7.71 -10.97
C LEU A 97 -26.83 6.28 -11.02
N ALA A 98 -27.71 5.28 -10.90
CA ALA A 98 -27.30 3.89 -11.04
C ALA A 98 -27.51 3.44 -12.48
N THR A 99 -27.70 4.41 -13.38
CA THR A 99 -27.90 4.15 -14.80
C THR A 99 -26.75 4.75 -15.62
N VAL A 100 -26.24 5.89 -15.15
CA VAL A 100 -25.10 6.56 -15.77
C VAL A 100 -24.01 5.53 -16.05
N GLU A 101 -23.41 5.58 -17.24
CA GLU A 101 -22.58 4.49 -17.74
C GLU A 101 -21.13 4.65 -17.27
N GLU A 102 -20.95 5.11 -16.03
CA GLU A 102 -19.64 5.23 -15.43
C GLU A 102 -19.55 4.31 -14.21
N THR A 103 -18.50 3.48 -14.16
CA THR A 103 -18.35 2.43 -13.17
C THR A 103 -17.81 3.00 -11.85
N VAL A 104 -17.90 4.33 -11.67
CA VAL A 104 -17.54 4.92 -10.39
C VAL A 104 -18.76 5.63 -9.80
N VAL A 105 -19.54 6.32 -10.64
CA VAL A 105 -20.74 6.99 -10.17
C VAL A 105 -21.83 5.95 -9.91
N ARG A 106 -21.78 4.84 -10.65
CA ARG A 106 -22.78 3.79 -10.52
C ARG A 106 -22.65 3.12 -9.15
N ASP A 107 -21.46 2.59 -8.85
CA ASP A 107 -21.28 1.87 -7.62
C ASP A 107 -21.06 2.83 -6.44
N LYS A 108 -21.24 4.13 -6.70
CA LYS A 108 -21.34 5.12 -5.64
C LYS A 108 -22.82 5.33 -5.32
N ALA A 109 -23.67 5.24 -6.34
CA ALA A 109 -25.11 5.27 -6.12
C ALA A 109 -25.54 3.98 -5.41
N VAL A 110 -24.88 2.86 -5.74
CA VAL A 110 -25.13 1.60 -5.07
C VAL A 110 -24.69 1.72 -3.62
N GLU A 111 -23.61 2.49 -3.38
CA GLU A 111 -23.15 2.79 -2.03
C GLU A 111 -24.28 3.38 -1.20
N SER A 112 -24.93 4.42 -1.77
CA SER A 112 -25.89 5.23 -1.06
C SER A 112 -27.25 4.54 -0.97
N LEU A 113 -27.56 3.69 -1.97
CA LEU A 113 -28.76 2.88 -1.94
C LEU A 113 -28.64 1.83 -0.83
N ARG A 114 -27.45 1.23 -0.69
CA ARG A 114 -27.19 0.23 0.34
C ARG A 114 -27.29 0.90 1.72
N ALA A 115 -26.89 2.17 1.79
CA ALA A 115 -26.83 2.89 3.05
C ALA A 115 -28.24 3.16 3.57
N ILE A 116 -29.11 3.72 2.72
CA ILE A 116 -30.41 4.24 3.15
C ILE A 116 -31.47 3.14 3.10
N SER A 117 -31.07 1.91 2.73
CA SER A 117 -31.96 0.77 2.73
C SER A 117 -32.27 0.38 4.17
N HIS A 118 -31.25 0.52 5.03
CA HIS A 118 -31.34 0.17 6.44
C HIS A 118 -32.27 1.14 7.16
N GLU A 119 -32.55 2.27 6.50
CA GLU A 119 -33.39 3.31 7.07
C GLU A 119 -34.86 3.05 6.73
N HIS A 120 -35.10 2.14 5.77
CA HIS A 120 -36.45 1.79 5.37
C HIS A 120 -37.06 0.82 6.39
N SER A 121 -38.29 1.13 6.82
CA SER A 121 -39.08 0.20 7.62
C SER A 121 -39.42 -1.01 6.77
N PRO A 122 -39.46 -2.24 7.33
CA PRO A 122 -39.67 -3.46 6.54
C PRO A 122 -40.87 -3.36 5.60
N SER A 123 -41.86 -2.55 5.98
CA SER A 123 -43.03 -2.33 5.14
C SER A 123 -42.68 -1.38 3.98
N ASP A 124 -41.83 -0.38 4.27
CA ASP A 124 -41.41 0.59 3.27
C ASP A 124 -40.40 -0.05 2.31
N LEU A 125 -39.62 -1.02 2.79
CA LEU A 125 -38.72 -1.76 1.92
C LEU A 125 -39.53 -2.38 0.79
N GLU A 126 -40.51 -3.20 1.16
CA GLU A 126 -41.33 -3.94 0.20
C GLU A 126 -42.10 -2.96 -0.69
N ALA A 127 -42.34 -1.75 -0.18
CA ALA A 127 -43.20 -0.80 -0.85
C ALA A 127 -42.46 -0.06 -1.96
N HIS A 128 -41.16 0.19 -1.75
CA HIS A 128 -40.40 1.05 -2.65
C HIS A 128 -39.09 0.42 -3.09
N PHE A 129 -38.32 -0.09 -2.11
CA PHE A 129 -36.92 -0.46 -2.34
C PHE A 129 -36.81 -1.75 -3.17
N VAL A 130 -37.63 -2.75 -2.83
CA VAL A 130 -37.70 -3.96 -3.64
C VAL A 130 -38.09 -3.58 -5.06
N PRO A 131 -39.23 -2.89 -5.30
CA PRO A 131 -39.63 -2.47 -6.65
C PRO A 131 -38.49 -1.85 -7.47
N LEU A 132 -37.63 -1.08 -6.79
CA LEU A 132 -36.48 -0.44 -7.43
C LEU A 132 -35.54 -1.52 -7.95
N VAL A 133 -34.99 -2.29 -7.00
CA VAL A 133 -34.12 -3.42 -7.30
C VAL A 133 -34.69 -4.17 -8.51
N LYS A 134 -35.99 -4.48 -8.45
CA LYS A 134 -36.67 -5.25 -9.48
C LYS A 134 -36.48 -4.60 -10.84
N ARG A 135 -36.74 -3.28 -10.92
CA ARG A 135 -36.72 -2.56 -12.18
C ARG A 135 -35.30 -2.49 -12.71
N LEU A 136 -34.34 -2.18 -11.83
CA LEU A 136 -32.94 -2.06 -12.19
C LEU A 136 -32.42 -3.40 -12.73
N ALA A 137 -32.93 -4.50 -12.18
CA ALA A 137 -32.49 -5.84 -12.54
C ALA A 137 -33.11 -6.27 -13.88
N GLY A 138 -34.19 -5.59 -14.27
CA GLY A 138 -34.82 -5.85 -15.56
C GLY A 138 -34.52 -4.77 -16.59
N GLY A 139 -33.49 -3.97 -16.30
CA GLY A 139 -33.08 -2.87 -17.17
C GLY A 139 -32.62 -3.37 -18.53
N ASP A 140 -32.81 -2.53 -19.56
CA ASP A 140 -32.46 -2.86 -20.93
C ASP A 140 -30.94 -2.91 -21.08
N TRP A 141 -30.26 -1.82 -20.69
CA TRP A 141 -28.82 -1.77 -20.71
C TRP A 141 -28.26 -2.55 -19.52
N PHE A 142 -27.06 -3.11 -19.70
CA PHE A 142 -26.40 -3.94 -18.71
C PHE A 142 -26.08 -3.13 -17.45
N THR A 143 -25.69 -1.87 -17.64
CA THR A 143 -25.26 -1.00 -16.55
C THR A 143 -26.29 -1.02 -15.41
N SER A 144 -27.58 -0.99 -15.77
CA SER A 144 -28.68 -1.03 -14.82
C SER A 144 -28.55 -2.24 -13.91
N ARG A 145 -28.47 -3.43 -14.54
CA ARG A 145 -28.64 -4.68 -13.82
C ARG A 145 -27.32 -5.16 -13.22
N THR A 146 -26.22 -4.43 -13.48
CA THR A 146 -24.98 -4.70 -12.79
C THR A 146 -25.01 -3.98 -11.44
N SER A 147 -25.68 -2.83 -11.42
CA SER A 147 -25.87 -2.07 -10.20
C SER A 147 -26.85 -2.79 -9.28
N ALA A 148 -27.76 -3.56 -9.87
CA ALA A 148 -28.82 -4.25 -9.15
C ALA A 148 -28.23 -5.36 -8.28
N CYS A 149 -27.15 -5.99 -8.75
CA CYS A 149 -26.58 -7.15 -8.08
C CYS A 149 -26.14 -6.80 -6.68
N GLY A 150 -25.84 -5.52 -6.44
CA GLY A 150 -25.31 -5.07 -5.17
C GLY A 150 -26.38 -4.85 -4.12
N LEU A 151 -27.65 -4.86 -4.55
CA LEU A 151 -28.73 -4.36 -3.72
C LEU A 151 -29.49 -5.50 -3.05
N PHE A 152 -29.20 -6.74 -3.45
CA PHE A 152 -29.93 -7.88 -2.92
C PHE A 152 -29.54 -8.17 -1.47
N SER A 153 -28.28 -7.86 -1.14
CA SER A 153 -27.75 -8.14 0.19
C SER A 153 -28.54 -7.36 1.26
N VAL A 154 -28.64 -6.05 1.08
CA VAL A 154 -29.14 -5.12 2.07
C VAL A 154 -30.66 -5.25 2.22
N CYS A 155 -31.27 -5.97 1.27
CA CYS A 155 -32.71 -5.99 1.09
C CYS A 155 -33.31 -7.17 1.84
N TYR A 156 -32.69 -8.34 1.65
CA TYR A 156 -33.29 -9.66 1.74
C TYR A 156 -33.68 -10.04 3.17
N PRO A 157 -32.92 -9.65 4.23
CA PRO A 157 -33.16 -10.20 5.57
C PRO A 157 -34.46 -9.77 6.24
N ARG A 158 -35.04 -8.66 5.78
CA ARG A 158 -36.08 -7.98 6.52
C ARG A 158 -37.44 -8.07 5.84
N VAL A 159 -37.47 -8.50 4.58
CA VAL A 159 -38.70 -8.50 3.80
C VAL A 159 -39.44 -9.83 4.00
N SER A 160 -40.60 -9.96 3.34
CA SER A 160 -41.49 -11.09 3.57
C SER A 160 -40.97 -12.36 2.92
N SER A 161 -41.62 -13.49 3.24
CA SER A 161 -41.25 -14.80 2.71
C SER A 161 -41.45 -14.83 1.19
N ALA A 162 -42.54 -14.22 0.72
CA ALA A 162 -42.89 -14.19 -0.69
C ALA A 162 -41.93 -13.29 -1.47
N VAL A 163 -41.50 -12.18 -0.85
CA VAL A 163 -40.59 -11.24 -1.47
C VAL A 163 -39.18 -11.84 -1.48
N LYS A 164 -38.79 -12.49 -0.38
CA LYS A 164 -37.57 -13.26 -0.38
C LYS A 164 -37.55 -14.16 -1.60
N ALA A 165 -38.65 -14.93 -1.78
CA ALA A 165 -38.75 -15.93 -2.83
C ALA A 165 -38.57 -15.29 -4.20
N GLU A 166 -39.18 -14.11 -4.37
CA GLU A 166 -39.12 -13.38 -5.61
C GLU A 166 -37.70 -12.86 -5.84
N LEU A 167 -37.07 -12.38 -4.76
CA LEU A 167 -35.74 -11.79 -4.85
C LEU A 167 -34.72 -12.83 -5.29
N ARG A 168 -34.99 -14.11 -4.98
CA ARG A 168 -34.04 -15.18 -5.25
C ARG A 168 -34.08 -15.55 -6.73
N GLN A 169 -35.28 -15.54 -7.33
CA GLN A 169 -35.44 -15.89 -8.72
C GLN A 169 -34.96 -14.73 -9.60
N TYR A 170 -34.94 -13.52 -9.03
CA TYR A 170 -34.49 -12.33 -9.73
C TYR A 170 -32.97 -12.30 -9.78
N PHE A 171 -32.33 -12.99 -8.83
CA PHE A 171 -30.89 -13.07 -8.76
C PHE A 171 -30.39 -14.20 -9.65
N ARG A 172 -31.15 -15.31 -9.67
CA ARG A 172 -30.87 -16.45 -10.52
C ARG A 172 -30.85 -16.02 -11.98
N ASN A 173 -31.69 -15.02 -12.31
CA ASN A 173 -31.80 -14.48 -13.66
C ASN A 173 -30.58 -13.63 -14.00
N LEU A 174 -30.08 -12.89 -12.99
CA LEU A 174 -28.91 -12.04 -13.19
C LEU A 174 -27.67 -12.90 -13.33
N CYS A 175 -27.69 -14.09 -12.71
CA CYS A 175 -26.55 -14.99 -12.73
C CYS A 175 -26.40 -15.65 -14.10
N SER A 176 -27.52 -15.79 -14.82
CA SER A 176 -27.49 -16.34 -16.16
C SER A 176 -27.90 -15.26 -17.16
N ASP A 177 -27.23 -14.11 -17.08
CA ASP A 177 -27.44 -12.99 -17.98
C ASP A 177 -26.85 -13.33 -19.35
N ASP A 178 -27.25 -12.55 -20.36
CA ASP A 178 -26.69 -12.69 -21.70
C ASP A 178 -25.25 -12.18 -21.70
N THR A 179 -25.02 -11.07 -20.99
CA THR A 179 -23.73 -10.41 -21.04
C THR A 179 -22.83 -10.90 -19.91
N ARG A 180 -21.53 -10.92 -20.18
CA ARG A 180 -20.52 -11.37 -19.23
C ARG A 180 -20.37 -10.34 -18.11
N MET A 181 -20.64 -9.07 -18.43
CA MET A 181 -20.43 -7.99 -17.48
C MET A 181 -21.35 -8.20 -16.28
N VAL A 182 -22.58 -8.64 -16.54
CA VAL A 182 -23.59 -8.79 -15.51
C VAL A 182 -23.28 -10.04 -14.68
N ARG A 183 -23.07 -11.17 -15.34
CA ARG A 183 -22.83 -12.41 -14.59
C ARG A 183 -21.45 -12.39 -13.95
N ARG A 184 -20.62 -11.41 -14.35
CA ARG A 184 -19.41 -11.10 -13.60
C ARG A 184 -19.85 -10.42 -12.31
N ALA A 185 -20.73 -9.42 -12.44
CA ALA A 185 -21.26 -8.65 -11.33
C ALA A 185 -22.00 -9.58 -10.36
N ALA A 186 -22.79 -10.50 -10.91
CA ALA A 186 -23.61 -11.39 -10.12
C ALA A 186 -22.75 -12.32 -9.27
N ALA A 187 -21.60 -12.73 -9.82
CA ALA A 187 -20.69 -13.64 -9.13
C ALA A 187 -19.94 -12.88 -8.03
N SER A 188 -19.76 -11.57 -8.23
CA SER A 188 -18.97 -10.75 -7.32
C SER A 188 -19.77 -10.42 -6.06
N LYS A 189 -21.09 -10.63 -6.11
CA LYS A 189 -21.97 -10.34 -5.00
C LYS A 189 -22.65 -11.63 -4.55
N LEU A 190 -22.24 -12.76 -5.13
CA LEU A 190 -22.79 -14.07 -4.83
C LEU A 190 -22.40 -14.48 -3.41
N GLY A 191 -21.21 -14.03 -2.98
CA GLY A 191 -20.74 -14.28 -1.63
C GLY A 191 -21.64 -13.63 -0.59
N GLU A 192 -21.89 -12.32 -0.75
CA GLU A 192 -22.62 -11.55 0.23
C GLU A 192 -24.10 -11.93 0.23
N PHE A 193 -24.58 -12.52 -0.87
CA PHE A 193 -25.99 -12.90 -0.96
C PHE A 193 -26.22 -14.22 -0.25
N ALA A 194 -25.21 -15.10 -0.25
CA ALA A 194 -25.33 -16.40 0.40
C ALA A 194 -25.23 -16.23 1.91
N LYS A 195 -24.61 -15.13 2.36
CA LYS A 195 -24.38 -14.87 3.76
C LYS A 195 -25.70 -14.50 4.45
N VAL A 196 -26.71 -14.13 3.65
CA VAL A 196 -27.95 -13.58 4.17
C VAL A 196 -29.10 -14.54 3.89
N LEU A 197 -28.80 -15.66 3.22
CA LEU A 197 -29.79 -16.70 2.97
C LEU A 197 -29.82 -17.65 4.16
N GLU A 198 -30.60 -18.74 4.02
CA GLU A 198 -30.73 -19.74 5.07
C GLU A 198 -29.95 -20.98 4.66
N LEU A 199 -29.38 -21.66 5.66
CA LEU A 199 -28.40 -22.72 5.50
C LEU A 199 -28.72 -23.61 4.29
N ASP A 200 -29.97 -24.06 4.16
CA ASP A 200 -30.27 -25.09 3.17
C ASP A 200 -30.98 -24.49 1.95
N ASN A 201 -30.97 -23.16 1.85
CA ASN A 201 -31.27 -22.46 0.60
C ASN A 201 -29.95 -22.18 -0.12
N VAL A 202 -28.86 -22.17 0.64
CA VAL A 202 -27.51 -22.07 0.13
C VAL A 202 -27.16 -23.38 -0.58
N LYS A 203 -27.56 -24.49 0.04
CA LYS A 203 -27.33 -25.81 -0.53
C LYS A 203 -28.12 -25.99 -1.82
N SER A 204 -29.28 -25.33 -1.93
CA SER A 204 -30.23 -25.60 -2.98
C SER A 204 -30.15 -24.58 -4.12
N GLU A 205 -29.89 -23.32 -3.79
CA GLU A 205 -29.89 -22.25 -4.79
C GLU A 205 -28.47 -21.82 -5.15
N ILE A 206 -27.67 -21.51 -4.13
CA ILE A 206 -26.37 -20.88 -4.29
C ILE A 206 -25.40 -21.84 -4.97
N ILE A 207 -25.17 -23.01 -4.35
CA ILE A 207 -24.21 -23.99 -4.83
C ILE A 207 -24.34 -24.17 -6.35
N PRO A 208 -25.53 -24.50 -6.91
CA PRO A 208 -25.68 -24.64 -8.35
C PRO A 208 -25.25 -23.40 -9.15
N MET A 209 -25.57 -22.20 -8.65
CA MET A 209 -25.24 -20.98 -9.35
C MET A 209 -23.74 -20.69 -9.22
N PHE A 210 -23.18 -21.08 -8.06
CA PHE A 210 -21.75 -20.96 -7.81
C PHE A 210 -20.99 -21.93 -8.73
N SER A 211 -21.52 -23.14 -8.87
CA SER A 211 -20.96 -24.15 -9.75
C SER A 211 -21.04 -23.68 -11.21
N ASN A 212 -22.14 -23.00 -11.55
CA ASN A 212 -22.45 -22.62 -12.92
C ASN A 212 -21.56 -21.47 -13.38
N LEU A 213 -21.27 -20.54 -12.46
CA LEU A 213 -20.47 -19.38 -12.79
C LEU A 213 -19.00 -19.80 -12.83
N ALA A 214 -18.65 -20.79 -12.01
CA ALA A 214 -17.27 -21.22 -11.84
C ALA A 214 -16.74 -21.88 -13.11
N SER A 215 -17.65 -22.50 -13.86
CA SER A 215 -17.31 -23.05 -15.16
C SER A 215 -18.04 -22.28 -16.27
N ASP A 216 -17.97 -20.94 -16.18
CA ASP A 216 -18.54 -20.06 -17.17
C ASP A 216 -17.68 -20.09 -18.43
N GLU A 217 -18.21 -19.56 -19.53
CA GLU A 217 -17.48 -19.50 -20.79
C GLU A 217 -16.32 -18.51 -20.65
N GLN A 218 -16.64 -17.31 -20.15
CA GLN A 218 -15.69 -16.22 -20.03
C GLN A 218 -14.89 -16.38 -18.74
N ASP A 219 -13.57 -16.21 -18.85
CA ASP A 219 -12.67 -16.37 -17.72
C ASP A 219 -12.78 -15.17 -16.80
N SER A 220 -13.41 -14.10 -17.30
CA SER A 220 -13.63 -12.89 -16.54
C SER A 220 -14.66 -13.16 -15.44
N VAL A 221 -15.53 -14.14 -15.68
CA VAL A 221 -16.58 -14.53 -14.74
C VAL A 221 -16.01 -15.55 -13.77
N ARG A 222 -15.38 -16.59 -14.31
CA ARG A 222 -14.82 -17.69 -13.53
C ARG A 222 -13.85 -17.14 -12.49
N LEU A 223 -13.21 -16.01 -12.82
CA LEU A 223 -12.24 -15.35 -11.98
C LEU A 223 -12.84 -15.07 -10.60
N LEU A 224 -14.08 -14.55 -10.59
CA LEU A 224 -14.69 -14.04 -9.36
C LEU A 224 -15.36 -15.16 -8.58
N ALA A 225 -15.21 -16.40 -9.08
CA ALA A 225 -15.77 -17.57 -8.42
C ALA A 225 -14.79 -18.12 -7.40
N VAL A 226 -13.71 -17.38 -7.13
CA VAL A 226 -12.69 -17.83 -6.19
C VAL A 226 -12.89 -17.11 -4.86
N GLU A 227 -13.08 -15.79 -4.91
CA GLU A 227 -13.34 -15.03 -3.69
C GLU A 227 -14.81 -15.19 -3.31
N ALA A 228 -15.61 -15.74 -4.23
CA ALA A 228 -16.96 -16.17 -3.93
C ALA A 228 -16.90 -17.57 -3.34
N CYS A 229 -15.89 -18.33 -3.74
CA CYS A 229 -15.66 -19.68 -3.26
C CYS A 229 -15.25 -19.64 -1.79
N VAL A 230 -14.58 -18.55 -1.38
CA VAL A 230 -14.10 -18.39 -0.03
C VAL A 230 -15.29 -18.18 0.90
N ASN A 231 -16.22 -17.32 0.47
CA ASN A 231 -17.39 -16.95 1.25
C ASN A 231 -18.27 -18.18 1.50
N ILE A 232 -18.55 -18.94 0.43
CA ILE A 232 -19.40 -20.11 0.49
C ILE A 232 -18.76 -21.16 1.40
N ALA A 233 -17.44 -21.09 1.57
CA ALA A 233 -16.71 -22.06 2.36
C ALA A 233 -16.86 -21.77 3.85
N GLN A 234 -17.01 -20.49 4.22
CA GLN A 234 -17.06 -20.06 5.60
C GLN A 234 -18.45 -20.30 6.19
N LEU A 235 -19.46 -20.32 5.32
CA LEU A 235 -20.84 -20.47 5.73
C LEU A 235 -21.16 -21.93 6.03
N LEU A 236 -20.63 -22.83 5.19
CA LEU A 236 -20.90 -24.25 5.32
C LEU A 236 -20.19 -24.80 6.57
N PRO A 237 -20.66 -25.95 7.09
CA PRO A 237 -19.84 -26.79 7.99
C PRO A 237 -18.87 -27.69 7.23
N GLN A 238 -17.76 -28.03 7.90
CA GLN A 238 -16.62 -28.73 7.33
C GLN A 238 -17.01 -29.97 6.54
N GLU A 239 -17.96 -30.74 7.08
CA GLU A 239 -18.42 -31.98 6.47
C GLU A 239 -18.75 -31.73 5.00
N ASP A 240 -19.47 -30.63 4.75
CA ASP A 240 -20.13 -30.37 3.47
C ASP A 240 -19.12 -29.95 2.42
N LEU A 241 -18.03 -29.30 2.84
CA LEU A 241 -17.06 -28.69 1.95
C LEU A 241 -16.66 -29.66 0.83
N GLU A 242 -16.25 -30.88 1.21
CA GLU A 242 -15.73 -31.86 0.27
C GLU A 242 -16.76 -32.13 -0.84
N ALA A 243 -18.04 -31.99 -0.49
CA ALA A 243 -19.12 -32.33 -1.42
C ALA A 243 -19.42 -31.16 -2.35
N LEU A 244 -19.45 -29.94 -1.79
CA LEU A 244 -20.09 -28.80 -2.43
C LEU A 244 -19.07 -27.83 -3.02
N VAL A 245 -17.99 -27.55 -2.27
CA VAL A 245 -17.05 -26.48 -2.63
C VAL A 245 -15.83 -27.06 -3.34
N MET A 246 -15.19 -28.06 -2.73
CA MET A 246 -13.87 -28.53 -3.13
C MET A 246 -13.81 -28.86 -4.63
N PRO A 247 -14.76 -29.64 -5.22
CA PRO A 247 -14.71 -29.94 -6.64
C PRO A 247 -14.53 -28.69 -7.50
N THR A 248 -15.21 -27.61 -7.10
CA THR A 248 -15.21 -26.37 -7.84
C THR A 248 -13.86 -25.66 -7.69
N LEU A 249 -13.37 -25.60 -6.45
CA LEU A 249 -12.09 -24.98 -6.14
C LEU A 249 -10.95 -25.71 -6.85
N ARG A 250 -11.09 -27.03 -6.99
CA ARG A 250 -10.05 -27.84 -7.61
C ARG A 250 -9.98 -27.55 -9.11
N GLN A 251 -11.14 -27.50 -9.78
CA GLN A 251 -11.18 -27.26 -11.21
C GLN A 251 -10.65 -25.85 -11.50
N ALA A 252 -10.70 -24.97 -10.49
CA ALA A 252 -10.30 -23.57 -10.60
C ALA A 252 -8.78 -23.45 -10.57
N ALA A 253 -8.16 -24.06 -9.55
CA ALA A 253 -6.71 -24.04 -9.38
C ALA A 253 -6.03 -24.69 -10.58
N GLU A 254 -6.81 -25.37 -11.42
CA GLU A 254 -6.30 -26.04 -12.60
C GLU A 254 -6.92 -25.44 -13.85
N ASP A 255 -7.51 -24.24 -13.69
CA ASP A 255 -8.17 -23.55 -14.80
C ASP A 255 -7.15 -23.31 -15.91
N LYS A 256 -7.63 -23.33 -17.15
CA LYS A 256 -6.77 -23.11 -18.29
C LYS A 256 -6.32 -21.65 -18.32
N SER A 257 -7.24 -20.75 -17.98
CA SER A 257 -6.93 -19.33 -17.86
C SER A 257 -6.03 -19.10 -16.65
N TRP A 258 -4.85 -18.51 -16.91
CA TRP A 258 -3.83 -18.30 -15.91
C TRP A 258 -4.27 -17.20 -14.92
N ARG A 259 -5.21 -16.36 -15.34
CA ARG A 259 -5.70 -15.27 -14.52
C ARG A 259 -6.57 -15.82 -13.39
N VAL A 260 -7.24 -16.94 -13.65
CA VAL A 260 -8.09 -17.62 -12.69
C VAL A 260 -7.21 -18.32 -11.66
N ARG A 261 -6.12 -18.91 -12.13
CA ARG A 261 -5.17 -19.60 -11.26
C ARG A 261 -4.45 -18.59 -10.38
N TYR A 262 -4.24 -17.38 -10.91
CA TYR A 262 -3.64 -16.29 -10.15
C TYR A 262 -4.49 -16.00 -8.92
N MET A 263 -5.82 -15.98 -9.10
CA MET A 263 -6.77 -15.61 -8.06
C MET A 263 -6.77 -16.67 -6.95
N VAL A 264 -6.60 -17.94 -7.33
CA VAL A 264 -6.52 -19.00 -6.35
C VAL A 264 -5.32 -18.75 -5.45
N ALA A 265 -4.20 -18.32 -6.07
CA ALA A 265 -2.97 -18.05 -5.34
C ALA A 265 -3.08 -16.75 -4.56
N ASP A 266 -3.83 -15.79 -5.10
CA ASP A 266 -3.99 -14.48 -4.47
C ASP A 266 -4.86 -14.61 -3.22
N LYS A 267 -5.79 -15.57 -3.23
CA LYS A 267 -6.75 -15.72 -2.16
C LYS A 267 -6.44 -16.99 -1.37
N PHE A 268 -5.16 -17.35 -1.27
CA PHE A 268 -4.81 -18.68 -0.80
C PHE A 268 -4.89 -18.77 0.72
N THR A 269 -4.29 -17.81 1.44
CA THR A 269 -4.26 -17.88 2.89
C THR A 269 -5.66 -17.74 3.47
N GLU A 270 -6.56 -17.10 2.70
CA GLU A 270 -7.93 -16.90 3.16
C GLU A 270 -8.81 -18.05 2.68
N LEU A 271 -8.36 -18.79 1.67
CA LEU A 271 -8.96 -20.07 1.31
C LEU A 271 -8.61 -21.09 2.38
N GLN A 272 -7.39 -20.99 2.91
CA GLN A 272 -6.86 -21.86 3.94
C GLN A 272 -7.70 -21.72 5.21
N LYS A 273 -7.96 -20.48 5.61
CA LYS A 273 -8.69 -20.21 6.85
C LYS A 273 -10.15 -20.63 6.70
N ALA A 274 -10.63 -20.69 5.46
CA ALA A 274 -12.03 -20.98 5.20
C ALA A 274 -12.30 -22.49 5.20
N VAL A 275 -11.37 -23.28 4.65
CA VAL A 275 -11.57 -24.72 4.58
C VAL A 275 -11.05 -25.40 5.85
N GLY A 276 -10.44 -24.62 6.74
CA GLY A 276 -10.01 -25.11 8.04
C GLY A 276 -8.76 -26.00 7.95
N PRO A 277 -8.13 -26.33 9.10
CA PRO A 277 -6.82 -26.98 9.12
C PRO A 277 -6.77 -28.37 8.48
N GLU A 278 -7.94 -28.95 8.23
CA GLU A 278 -8.02 -30.35 7.83
C GLU A 278 -7.79 -30.49 6.32
N ILE A 279 -8.60 -29.79 5.52
CA ILE A 279 -8.54 -29.89 4.06
C ILE A 279 -7.28 -29.19 3.57
N THR A 280 -6.80 -28.23 4.37
CA THR A 280 -5.54 -27.53 4.15
C THR A 280 -4.44 -28.55 3.82
N LYS A 281 -4.30 -29.57 4.68
CA LYS A 281 -3.29 -30.61 4.52
C LYS A 281 -3.60 -31.45 3.29
N THR A 282 -4.85 -31.89 3.18
CA THR A 282 -5.25 -32.92 2.23
C THR A 282 -5.12 -32.39 0.81
N ASP A 283 -5.60 -31.16 0.58
CA ASP A 283 -5.87 -30.67 -0.76
C ASP A 283 -5.03 -29.44 -1.11
N LEU A 284 -4.88 -28.53 -0.15
CA LEU A 284 -4.26 -27.23 -0.42
C LEU A 284 -2.75 -27.36 -0.59
N VAL A 285 -2.11 -28.17 0.27
CA VAL A 285 -0.66 -28.38 0.24
C VAL A 285 -0.25 -28.85 -1.15
N PRO A 286 -0.81 -29.94 -1.71
CA PRO A 286 -0.48 -30.36 -3.08
C PRO A 286 -0.77 -29.28 -4.13
N ALA A 287 -1.77 -28.43 -3.86
CA ALA A 287 -2.22 -27.43 -4.82
C ALA A 287 -1.24 -26.26 -4.84
N PHE A 288 -0.74 -25.91 -3.65
CA PHE A 288 0.19 -24.81 -3.47
C PHE A 288 1.48 -25.13 -4.21
N GLN A 289 1.95 -26.37 -4.04
CA GLN A 289 3.13 -26.86 -4.74
C GLN A 289 2.94 -26.66 -6.24
N ASN A 290 1.74 -26.97 -6.74
CA ASN A 290 1.44 -26.91 -8.16
C ASN A 290 1.41 -25.46 -8.63
N LEU A 291 1.07 -24.55 -7.72
CA LEU A 291 1.05 -23.14 -8.04
C LEU A 291 2.49 -22.62 -8.09
N MET A 292 3.30 -23.00 -7.10
CA MET A 292 4.70 -22.60 -7.03
C MET A 292 5.47 -23.14 -8.24
N LYS A 293 4.80 -23.95 -9.06
CA LYS A 293 5.42 -24.60 -10.20
C LYS A 293 4.70 -24.22 -11.48
N ASP A 294 3.91 -23.14 -11.42
CA ASP A 294 3.05 -22.74 -12.54
C ASP A 294 3.90 -22.22 -13.69
N CYS A 295 3.40 -22.40 -14.91
CA CYS A 295 4.15 -22.03 -16.10
C CYS A 295 4.17 -20.51 -16.27
N GLU A 296 3.20 -19.82 -15.66
CA GLU A 296 3.12 -18.36 -15.73
C GLU A 296 3.74 -17.75 -14.48
N ALA A 297 4.69 -16.83 -14.70
CA ALA A 297 5.51 -16.26 -13.63
C ALA A 297 4.66 -15.42 -12.68
N GLU A 298 3.63 -14.76 -13.22
CA GLU A 298 2.72 -13.94 -12.44
C GLU A 298 2.21 -14.74 -11.24
N VAL A 299 1.87 -16.00 -11.51
CA VAL A 299 1.26 -16.89 -10.52
C VAL A 299 2.30 -17.33 -9.49
N ARG A 300 3.49 -17.73 -9.97
CA ARG A 300 4.55 -18.18 -9.08
C ARG A 300 4.91 -17.06 -8.11
N ALA A 301 4.94 -15.82 -8.63
CA ALA A 301 5.16 -14.63 -7.83
C ALA A 301 4.10 -14.55 -6.74
N ALA A 302 2.83 -14.60 -7.15
CA ALA A 302 1.68 -14.47 -6.27
C ALA A 302 1.73 -15.50 -5.15
N ALA A 303 2.08 -16.74 -5.50
CA ALA A 303 2.15 -17.85 -4.56
C ALA A 303 3.31 -17.64 -3.58
N SER A 304 4.42 -17.11 -4.09
CA SER A 304 5.62 -16.90 -3.30
C SER A 304 5.34 -15.88 -2.19
N HIS A 305 4.40 -14.97 -2.43
CA HIS A 305 4.06 -13.93 -1.47
C HIS A 305 3.40 -14.54 -0.24
N LYS A 306 2.91 -15.77 -0.38
CA LYS A 306 2.01 -16.35 0.60
C LYS A 306 2.71 -17.44 1.41
N VAL A 307 4.02 -17.59 1.25
CA VAL A 307 4.71 -18.74 1.82
C VAL A 307 4.77 -18.64 3.36
N LYS A 308 5.36 -17.55 3.89
CA LYS A 308 5.52 -17.46 5.33
C LYS A 308 4.16 -17.42 6.00
N GLU A 309 3.16 -16.90 5.29
CA GLU A 309 1.85 -16.67 5.86
C GLU A 309 1.04 -17.96 5.84
N PHE A 310 1.29 -18.80 4.83
CA PHE A 310 0.58 -20.06 4.67
C PHE A 310 1.19 -21.13 5.56
N CYS A 311 2.52 -21.07 5.73
CA CYS A 311 3.22 -22.01 6.58
C CYS A 311 2.90 -21.75 8.05
N GLU A 312 2.69 -20.47 8.37
CA GLU A 312 2.33 -19.99 9.70
C GLU A 312 1.01 -20.62 10.14
N ASN A 313 0.09 -20.79 9.19
CA ASN A 313 -1.28 -21.17 9.50
C ASN A 313 -1.53 -22.64 9.17
N LEU A 314 -0.51 -23.47 9.40
CA LEU A 314 -0.70 -24.91 9.41
C LEU A 314 -0.93 -25.35 10.86
N SER A 315 -1.78 -26.36 11.04
CA SER A 315 -2.19 -26.85 12.35
C SER A 315 -0.96 -27.12 13.20
N ALA A 316 -0.99 -26.63 14.44
CA ALA A 316 0.15 -26.54 15.34
C ALA A 316 0.98 -27.83 15.35
N ASP A 317 0.31 -28.97 15.17
CA ASP A 317 0.97 -30.27 15.21
C ASP A 317 1.60 -30.58 13.86
N CYS A 318 0.77 -30.94 12.86
CA CYS A 318 1.27 -31.32 11.55
C CYS A 318 1.57 -30.06 10.74
N ARG A 319 2.73 -29.45 11.01
CA ARG A 319 3.16 -28.27 10.29
C ARG A 319 4.68 -28.31 10.13
N GLU A 320 5.39 -28.33 11.26
CA GLU A 320 6.84 -28.34 11.29
C GLU A 320 7.36 -29.42 10.34
N ASN A 321 6.60 -30.51 10.22
CA ASN A 321 6.94 -31.59 9.30
C ASN A 321 6.63 -31.16 7.87
N VAL A 322 5.41 -30.64 7.65
CA VAL A 322 4.91 -30.41 6.31
C VAL A 322 5.69 -29.28 5.62
N ILE A 323 6.12 -28.28 6.41
CA ILE A 323 6.95 -27.18 5.94
C ILE A 323 8.27 -27.72 5.42
N MET A 324 8.87 -28.62 6.21
CA MET A 324 10.18 -29.18 5.96
C MET A 324 10.13 -30.16 4.80
N THR A 325 8.96 -30.79 4.61
CA THR A 325 8.87 -31.95 3.73
C THR A 325 8.15 -31.63 2.42
N GLN A 326 7.24 -30.65 2.46
CA GLN A 326 6.38 -30.38 1.33
C GLN A 326 6.61 -28.98 0.76
N ILE A 327 6.86 -28.01 1.63
CA ILE A 327 7.00 -26.61 1.24
C ILE A 327 8.43 -26.35 0.80
N LEU A 328 9.39 -26.81 1.62
CA LEU A 328 10.81 -26.50 1.50
C LEU A 328 11.34 -26.86 0.12
N PRO A 329 11.14 -28.10 -0.39
CA PRO A 329 11.76 -28.53 -1.65
C PRO A 329 11.32 -27.69 -2.86
N CYS A 330 10.12 -27.10 -2.75
CA CYS A 330 9.60 -26.19 -3.74
C CYS A 330 10.35 -24.87 -3.68
N ILE A 331 10.44 -24.31 -2.46
CA ILE A 331 11.12 -23.06 -2.19
C ILE A 331 12.50 -23.08 -2.84
N LYS A 332 13.26 -24.15 -2.55
CA LYS A 332 14.62 -24.32 -3.06
C LYS A 332 14.64 -24.07 -4.57
N GLU A 333 13.65 -24.61 -5.28
CA GLU A 333 13.59 -24.52 -6.72
C GLU A 333 13.19 -23.11 -7.16
N LEU A 334 12.48 -22.39 -6.28
CA LEU A 334 12.03 -21.03 -6.55
C LEU A 334 13.20 -20.06 -6.39
N VAL A 335 14.18 -20.44 -5.57
CA VAL A 335 15.33 -19.61 -5.29
C VAL A 335 16.18 -19.50 -6.55
N SER A 336 16.15 -20.54 -7.38
CA SER A 336 16.89 -20.60 -8.63
C SER A 336 16.00 -20.20 -9.81
N ASP A 337 14.82 -19.63 -9.51
CA ASP A 337 13.82 -19.35 -10.52
C ASP A 337 14.39 -18.43 -11.59
N ALA A 338 13.88 -18.56 -12.82
CA ALA A 338 14.41 -17.83 -13.96
C ALA A 338 13.67 -16.50 -14.10
N ASN A 339 13.09 -16.01 -13.01
CA ASN A 339 12.33 -14.77 -13.04
C ASN A 339 12.65 -13.93 -11.82
N GLN A 340 13.09 -12.68 -12.05
CA GLN A 340 13.50 -11.82 -10.96
C GLN A 340 12.29 -11.53 -10.08
N HIS A 341 11.15 -11.27 -10.71
CA HIS A 341 9.94 -10.85 -10.01
C HIS A 341 9.48 -11.95 -9.06
N VAL A 342 9.76 -13.22 -9.40
CA VAL A 342 9.46 -14.33 -8.53
C VAL A 342 10.52 -14.35 -7.42
N LYS A 343 11.78 -14.49 -7.82
CA LYS A 343 12.92 -14.57 -6.91
C LYS A 343 12.79 -13.54 -5.80
N SER A 344 12.49 -12.29 -6.18
CA SER A 344 12.42 -11.19 -5.25
C SER A 344 11.18 -11.31 -4.36
N ALA A 345 10.07 -11.74 -4.97
CA ALA A 345 8.80 -11.87 -4.24
C ALA A 345 8.98 -12.84 -3.08
N LEU A 346 9.68 -13.96 -3.35
CA LEU A 346 9.98 -14.95 -2.33
C LEU A 346 10.92 -14.35 -1.28
N ALA A 347 12.00 -13.72 -1.76
CA ALA A 347 13.04 -13.16 -0.92
C ALA A 347 12.46 -12.25 0.16
N SER A 348 11.30 -11.64 -0.14
CA SER A 348 10.70 -10.64 0.73
C SER A 348 10.18 -11.27 2.03
N VAL A 349 9.79 -12.55 1.96
CA VAL A 349 9.07 -13.17 3.06
C VAL A 349 9.82 -14.40 3.58
N ILE A 350 10.70 -14.97 2.73
CA ILE A 350 11.39 -16.21 3.01
C ILE A 350 12.01 -16.21 4.41
N MET A 351 12.35 -15.02 4.92
CA MET A 351 13.13 -14.90 6.14
C MET A 351 12.22 -15.03 7.37
N GLY A 352 10.92 -14.79 7.19
CA GLY A 352 9.95 -14.90 8.26
C GLY A 352 9.65 -16.36 8.62
N LEU A 353 10.36 -17.30 7.98
CA LEU A 353 10.17 -18.73 8.20
C LEU A 353 10.99 -19.19 9.40
N SER A 354 11.93 -18.36 9.85
CA SER A 354 12.82 -18.71 10.95
C SER A 354 12.07 -18.76 12.29
N PRO A 355 11.28 -17.72 12.67
CA PRO A 355 10.56 -17.74 13.94
C PRO A 355 9.42 -18.77 13.93
N ILE A 356 9.50 -19.73 13.01
CA ILE A 356 8.55 -20.82 12.90
C ILE A 356 9.29 -22.14 12.95
N LEU A 357 10.45 -22.21 12.29
CA LEU A 357 11.20 -23.45 12.17
C LEU A 357 12.27 -23.57 13.26
N GLY A 358 12.36 -22.54 14.12
CA GLY A 358 13.29 -22.54 15.25
C GLY A 358 14.72 -22.28 14.83
N LYS A 359 15.67 -22.60 15.73
CA LYS A 359 17.08 -22.32 15.49
C LYS A 359 17.69 -23.41 14.60
N ASP A 360 17.62 -24.66 15.06
CA ASP A 360 18.38 -25.76 14.48
C ASP A 360 18.06 -25.94 13.00
N ASN A 361 16.78 -25.78 12.65
CA ASN A 361 16.29 -26.08 11.32
C ASN A 361 16.67 -24.96 10.35
N THR A 362 16.72 -23.73 10.88
CA THR A 362 17.05 -22.54 10.10
C THR A 362 18.48 -22.64 9.56
N ILE A 363 19.41 -23.08 10.42
CA ILE A 363 20.82 -23.17 10.09
C ILE A 363 21.04 -24.28 9.06
N GLU A 364 20.29 -25.37 9.21
CA GLU A 364 20.48 -26.54 8.37
C GLU A 364 19.82 -26.33 7.01
N HIS A 365 18.62 -25.73 7.02
CA HIS A 365 17.73 -25.78 5.87
C HIS A 365 17.50 -24.40 5.25
N LEU A 366 17.32 -23.37 6.09
CA LEU A 366 16.97 -22.05 5.60
C LEU A 366 18.21 -21.24 5.24
N LEU A 367 19.28 -21.41 6.02
CA LEU A 367 20.48 -20.59 5.90
C LEU A 367 21.06 -20.65 4.49
N PRO A 368 21.37 -21.86 3.94
CA PRO A 368 21.96 -21.95 2.60
C PRO A 368 21.13 -21.28 1.51
N LEU A 369 19.83 -21.08 1.80
CA LEU A 369 18.92 -20.44 0.86
C LEU A 369 19.09 -18.93 0.92
N PHE A 370 19.39 -18.41 2.12
CA PHE A 370 19.62 -16.99 2.30
C PHE A 370 20.92 -16.59 1.58
N LEU A 371 21.96 -17.44 1.71
CA LEU A 371 23.26 -17.18 1.14
C LEU A 371 23.21 -17.30 -0.38
N ALA A 372 22.36 -18.20 -0.88
CA ALA A 372 22.16 -18.37 -2.31
C ALA A 372 21.51 -17.13 -2.89
N GLN A 373 20.51 -16.62 -2.16
CA GLN A 373 19.73 -15.45 -2.58
C GLN A 373 20.57 -14.18 -2.45
N LEU A 374 21.57 -14.24 -1.58
CA LEU A 374 22.38 -13.07 -1.24
C LEU A 374 23.39 -12.81 -2.36
N LYS A 375 23.79 -13.89 -3.04
CA LYS A 375 24.79 -13.82 -4.11
C LYS A 375 24.08 -13.80 -5.45
N ASP A 376 22.81 -13.34 -5.45
CA ASP A 376 21.95 -13.36 -6.61
C ASP A 376 22.16 -12.09 -7.43
N GLU A 377 22.06 -12.23 -8.76
CA GLU A 377 22.29 -11.17 -9.72
C GLU A 377 21.39 -9.97 -9.40
N CYS A 378 20.08 -10.19 -9.48
CA CYS A 378 19.08 -9.17 -9.27
C CYS A 378 19.33 -8.44 -7.96
N PRO A 379 19.40 -7.09 -7.97
CA PRO A 379 19.63 -6.31 -6.75
C PRO A 379 18.44 -6.34 -5.80
N GLU A 380 17.22 -6.27 -6.36
CA GLU A 380 16.00 -6.17 -5.57
C GLU A 380 15.74 -7.45 -4.78
N VAL A 381 16.40 -8.54 -5.20
CA VAL A 381 16.33 -9.80 -4.47
C VAL A 381 17.12 -9.65 -3.17
N ARG A 382 18.44 -9.46 -3.30
CA ARG A 382 19.35 -9.43 -2.16
C ARG A 382 19.09 -8.16 -1.34
N LEU A 383 18.32 -7.23 -1.91
CA LEU A 383 17.91 -6.03 -1.20
C LEU A 383 16.86 -6.41 -0.17
N ASN A 384 16.02 -7.40 -0.53
CA ASN A 384 14.87 -7.78 0.28
C ASN A 384 15.29 -8.65 1.45
N ILE A 385 16.42 -9.35 1.28
CA ILE A 385 17.03 -10.10 2.38
C ILE A 385 17.46 -9.11 3.46
N ILE A 386 18.08 -8.00 3.03
CA ILE A 386 18.60 -6.99 3.94
C ILE A 386 17.45 -6.35 4.73
N SER A 387 16.33 -6.08 4.05
CA SER A 387 15.19 -5.38 4.62
C SER A 387 14.58 -6.16 5.78
N ASN A 388 14.84 -7.47 5.83
CA ASN A 388 14.25 -8.35 6.82
C ASN A 388 15.35 -9.22 7.45
N LEU A 389 16.27 -8.58 8.19
CA LEU A 389 17.30 -9.32 8.91
C LEU A 389 16.85 -9.55 10.35
N ASP A 390 15.90 -8.73 10.82
CA ASP A 390 15.43 -8.77 12.19
C ASP A 390 14.63 -10.05 12.44
N CYS A 391 14.07 -10.61 11.37
CA CYS A 391 13.34 -11.88 11.43
C CYS A 391 14.26 -12.98 11.95
N VAL A 392 15.47 -13.06 11.38
CA VAL A 392 16.39 -14.15 11.64
C VAL A 392 17.26 -13.82 12.85
N ASN A 393 17.42 -12.52 13.14
CA ASN A 393 18.42 -12.06 14.10
C ASN A 393 18.05 -12.52 15.51
N GLU A 394 16.74 -12.71 15.75
CA GLU A 394 16.24 -12.91 17.10
C GLU A 394 16.22 -14.40 17.47
N VAL A 395 16.66 -15.26 16.53
CA VAL A 395 16.73 -16.69 16.79
C VAL A 395 18.06 -17.25 16.29
N ILE A 396 18.69 -16.54 15.35
CA ILE A 396 20.01 -16.91 14.83
C ILE A 396 20.95 -15.72 15.05
N GLY A 397 22.19 -16.03 15.43
CA GLY A 397 23.22 -15.01 15.56
C GLY A 397 23.59 -14.42 14.21
N ILE A 398 23.55 -13.08 14.13
CA ILE A 398 23.96 -12.35 12.94
C ILE A 398 25.48 -12.26 12.93
N ARG A 399 26.14 -13.39 13.21
CA ARG A 399 27.57 -13.42 13.45
C ARG A 399 28.29 -13.80 12.17
N GLN A 400 28.32 -15.10 11.86
CA GLN A 400 29.00 -15.61 10.68
C GLN A 400 28.10 -15.45 9.46
N LEU A 401 26.83 -15.10 9.72
CA LEU A 401 25.89 -14.71 8.68
C LEU A 401 26.39 -13.43 8.01
N SER A 402 27.05 -12.57 8.79
CA SER A 402 27.50 -11.26 8.37
C SER A 402 28.53 -11.34 7.25
N GLN A 403 29.38 -12.38 7.29
CA GLN A 403 30.50 -12.52 6.38
C GLN A 403 30.02 -12.46 4.93
N SER A 404 28.81 -12.96 4.70
CA SER A 404 28.24 -13.08 3.37
C SER A 404 27.51 -11.79 2.97
N LEU A 405 27.25 -10.92 3.95
CA LEU A 405 26.46 -9.71 3.73
C LEU A 405 27.30 -8.64 3.02
N LEU A 406 28.59 -8.56 3.37
CA LEU A 406 29.47 -7.52 2.88
C LEU A 406 29.47 -7.51 1.35
N PRO A 407 29.94 -8.59 0.68
CA PRO A 407 30.06 -8.60 -0.78
C PRO A 407 28.78 -8.14 -1.49
N ALA A 408 27.65 -8.25 -0.78
CA ALA A 408 26.34 -7.90 -1.29
C ALA A 408 26.06 -6.42 -1.06
N ILE A 409 26.43 -5.93 0.14
CA ILE A 409 26.22 -4.54 0.52
C ILE A 409 27.07 -3.64 -0.38
N VAL A 410 28.30 -4.08 -0.68
CA VAL A 410 29.23 -3.31 -1.51
C VAL A 410 28.70 -3.22 -2.94
N GLU A 411 28.21 -4.34 -3.47
CA GLU A 411 27.76 -4.40 -4.85
C GLU A 411 26.49 -3.56 -5.02
N LEU A 412 25.68 -3.47 -3.97
CA LEU A 412 24.46 -2.69 -3.99
C LEU A 412 24.81 -1.20 -3.92
N ALA A 413 25.93 -0.90 -3.26
CA ALA A 413 26.37 0.47 -3.04
C ALA A 413 27.10 1.01 -4.27
N GLU A 414 27.77 0.11 -5.00
CA GLU A 414 28.63 0.49 -6.12
C GLU A 414 27.94 0.16 -7.45
N ASP A 415 26.61 -0.03 -7.40
CA ASP A 415 25.83 -0.41 -8.56
C ASP A 415 25.68 0.79 -9.49
N ALA A 416 25.81 0.53 -10.79
CA ALA A 416 25.73 1.57 -11.81
C ALA A 416 24.37 2.26 -11.76
N LYS A 417 23.30 1.45 -11.66
CA LYS A 417 21.93 1.95 -11.58
C LYS A 417 21.75 2.68 -10.26
N TRP A 418 21.23 3.91 -10.34
CA TRP A 418 21.27 4.85 -9.23
C TRP A 418 20.13 4.59 -8.25
N ARG A 419 18.99 4.12 -8.77
CA ARG A 419 17.83 3.82 -7.94
C ARG A 419 18.19 2.70 -6.98
N VAL A 420 19.16 1.88 -7.38
CA VAL A 420 19.65 0.76 -6.60
C VAL A 420 20.42 1.31 -5.40
N ARG A 421 21.21 2.36 -5.62
CA ARG A 421 22.05 2.94 -4.58
C ARG A 421 21.19 3.64 -3.54
N LEU A 422 20.24 4.46 -3.99
CA LEU A 422 19.30 5.16 -3.12
C LEU A 422 18.64 4.16 -2.17
N ALA A 423 18.46 2.93 -2.66
CA ALA A 423 17.71 1.89 -1.97
C ALA A 423 18.50 1.36 -0.77
N ILE A 424 19.81 1.14 -0.95
CA ILE A 424 20.62 0.58 0.13
C ILE A 424 21.01 1.67 1.12
N ILE A 425 21.06 2.92 0.66
CA ILE A 425 21.31 4.05 1.54
C ILE A 425 20.16 4.16 2.53
N GLU A 426 18.95 3.88 2.05
CA GLU A 426 17.72 3.93 2.83
C GLU A 426 17.83 2.98 4.02
N TYR A 427 18.35 1.77 3.78
CA TYR A 427 18.38 0.72 4.78
C TYR A 427 19.62 0.82 5.66
N MET A 428 20.50 1.78 5.38
CA MET A 428 21.85 1.79 5.92
C MET A 428 21.87 2.07 7.43
N PRO A 429 21.11 3.07 7.96
CA PRO A 429 21.14 3.34 9.41
C PRO A 429 20.66 2.14 10.23
N LEU A 430 19.68 1.42 9.69
CA LEU A 430 19.07 0.28 10.36
C LEU A 430 19.99 -0.93 10.26
N LEU A 431 20.78 -0.98 9.18
CA LEU A 431 21.63 -2.12 8.87
C LEU A 431 22.92 -2.07 9.68
N ALA A 432 23.39 -0.85 9.98
CA ALA A 432 24.55 -0.65 10.83
C ALA A 432 24.17 -0.98 12.27
N GLY A 433 22.91 -0.68 12.62
CA GLY A 433 22.37 -0.88 13.96
C GLY A 433 22.30 -2.35 14.37
N GLN A 434 22.12 -3.24 13.39
CA GLN A 434 21.96 -4.67 13.65
C GLN A 434 23.27 -5.40 13.36
N LEU A 435 24.23 -4.69 12.75
CA LEU A 435 25.57 -5.23 12.55
C LEU A 435 26.45 -4.78 13.71
N GLY A 436 27.76 -4.70 13.46
CA GLY A 436 28.72 -4.28 14.47
C GLY A 436 28.84 -2.77 14.56
N VAL A 437 28.59 -2.23 15.76
CA VAL A 437 28.91 -0.86 16.12
C VAL A 437 30.34 -0.56 15.66
N GLU A 438 31.23 -1.55 15.86
CA GLU A 438 32.62 -1.49 15.48
C GLU A 438 32.77 -1.98 14.04
N PHE A 439 32.06 -3.07 13.70
CA PHE A 439 32.11 -3.70 12.39
C PHE A 439 31.91 -2.66 11.30
N PHE A 440 31.04 -1.67 11.58
CA PHE A 440 30.76 -0.60 10.64
C PHE A 440 32.04 0.12 10.26
N ASP A 441 32.90 0.40 11.27
CA ASP A 441 34.06 1.25 11.13
C ASP A 441 35.05 0.65 10.13
N GLU A 442 35.33 -0.64 10.27
CA GLU A 442 36.36 -1.29 9.47
C GLU A 442 35.90 -1.43 8.03
N LYS A 443 34.61 -1.76 7.83
CA LYS A 443 34.15 -2.30 6.57
C LYS A 443 33.25 -1.34 5.82
N LEU A 444 32.42 -0.56 6.53
CA LEU A 444 31.34 0.16 5.88
C LEU A 444 31.57 1.68 5.90
N ASN A 445 32.54 2.13 6.70
CA ASN A 445 32.83 3.56 6.81
C ASN A 445 33.23 4.10 5.44
N SER A 446 34.05 3.33 4.72
CA SER A 446 34.55 3.67 3.41
C SER A 446 33.40 3.99 2.46
N LEU A 447 32.37 3.13 2.49
CA LEU A 447 31.29 3.10 1.51
C LEU A 447 30.38 4.31 1.68
N CYS A 448 30.12 4.71 2.93
CA CYS A 448 29.21 5.80 3.23
C CYS A 448 29.84 7.13 2.84
N MET A 449 31.16 7.22 2.96
CA MET A 449 31.91 8.44 2.66
C MET A 449 31.95 8.66 1.15
N ALA A 450 31.85 7.55 0.40
CA ALA A 450 32.00 7.56 -1.05
C ALA A 450 30.73 8.03 -1.74
N TRP A 451 29.61 8.05 -1.00
CA TRP A 451 28.32 8.42 -1.56
C TRP A 451 28.19 9.94 -1.63
N LEU A 452 29.11 10.63 -0.94
CA LEU A 452 29.12 12.08 -0.88
C LEU A 452 29.80 12.65 -2.12
N VAL A 453 30.66 11.82 -2.74
CA VAL A 453 31.13 12.05 -4.10
C VAL A 453 30.30 11.17 -5.03
N ASP A 454 29.24 11.77 -5.59
CA ASP A 454 28.33 11.03 -6.46
C ASP A 454 27.72 11.98 -7.49
N HIS A 455 27.53 11.45 -8.70
CA HIS A 455 27.13 12.24 -9.86
C HIS A 455 25.64 12.61 -9.74
N VAL A 456 24.90 11.82 -8.96
CA VAL A 456 23.47 12.06 -8.73
C VAL A 456 23.33 12.82 -7.42
N TYR A 457 22.55 13.91 -7.46
CA TYR A 457 22.30 14.70 -6.26
C TYR A 457 21.49 13.89 -5.26
N ALA A 458 20.48 13.15 -5.77
CA ALA A 458 19.56 12.38 -4.95
C ALA A 458 20.31 11.45 -4.00
N ILE A 459 21.48 10.97 -4.44
CA ILE A 459 22.30 10.04 -3.69
C ILE A 459 23.03 10.78 -2.58
N ARG A 460 23.67 11.90 -2.92
CA ARG A 460 24.38 12.73 -1.95
C ARG A 460 23.42 13.24 -0.88
N GLU A 461 22.22 13.64 -1.31
CA GLU A 461 21.21 14.21 -0.43
C GLU A 461 20.69 13.15 0.54
N ALA A 462 20.67 11.91 0.09
CA ALA A 462 20.30 10.79 0.94
C ALA A 462 21.45 10.44 1.87
N ALA A 463 22.68 10.55 1.35
CA ALA A 463 23.87 10.07 2.01
C ALA A 463 24.29 10.99 3.15
N THR A 464 23.94 12.28 3.03
CA THR A 464 24.18 13.26 4.08
C THR A 464 23.18 13.07 5.21
N SER A 465 21.90 12.90 4.84
CA SER A 465 20.85 12.59 5.81
C SER A 465 21.16 11.27 6.51
N ASN A 466 21.94 10.43 5.84
CA ASN A 466 22.25 9.09 6.32
C ASN A 466 23.17 9.16 7.54
N LEU A 467 24.14 10.08 7.51
CA LEU A 467 25.11 10.10 8.59
C LEU A 467 24.57 10.88 9.79
N LYS A 468 23.54 11.70 9.59
CA LYS A 468 22.89 12.33 10.72
C LYS A 468 22.02 11.31 11.45
N LYS A 469 21.58 10.27 10.73
CA LYS A 469 20.86 9.15 11.32
C LYS A 469 21.86 8.25 12.06
N LEU A 470 23.07 8.18 11.52
CA LEU A 470 24.11 7.29 12.02
C LEU A 470 24.69 7.83 13.32
N VAL A 471 24.64 9.16 13.51
CA VAL A 471 25.10 9.78 14.74
C VAL A 471 24.16 9.36 15.86
N GLU A 472 22.85 9.39 15.56
CA GLU A 472 21.80 8.91 16.45
C GLU A 472 22.16 7.52 16.98
N LYS A 473 22.68 6.66 16.10
CA LYS A 473 22.84 5.25 16.40
C LYS A 473 24.25 4.95 16.94
N PHE A 474 25.07 5.98 17.18
CA PHE A 474 26.44 5.72 17.58
C PHE A 474 27.00 6.80 18.49
N GLY A 475 26.24 7.89 18.70
CA GLY A 475 26.63 8.93 19.65
C GLY A 475 27.69 9.88 19.09
N LYS A 476 27.87 11.01 19.78
CA LYS A 476 28.62 12.14 19.26
C LYS A 476 30.12 11.87 19.30
N GLU A 477 30.56 11.05 20.26
CA GLU A 477 31.97 10.75 20.43
C GLU A 477 32.48 9.92 19.24
N TRP A 478 31.59 9.07 18.71
CA TRP A 478 31.90 8.28 17.54
C TRP A 478 32.03 9.18 16.32
N ALA A 479 31.08 10.11 16.17
CA ALA A 479 31.05 11.05 15.05
C ALA A 479 32.33 11.87 15.02
N HIS A 480 32.75 12.34 16.20
CA HIS A 480 33.92 13.17 16.43
C HIS A 480 35.17 12.47 15.89
N ALA A 481 35.17 11.13 15.94
CA ALA A 481 36.39 10.36 15.82
C ALA A 481 36.41 9.51 14.54
N THR A 482 35.30 9.50 13.78
CA THR A 482 35.22 8.61 12.63
C THR A 482 34.75 9.36 11.38
N ILE A 483 33.83 10.32 11.55
CA ILE A 483 33.21 10.97 10.41
C ILE A 483 33.79 12.38 10.20
N ILE A 484 33.63 13.25 11.21
CA ILE A 484 33.90 14.67 11.08
C ILE A 484 35.25 14.94 10.42
N PRO A 485 36.36 14.25 10.79
CA PRO A 485 37.64 14.41 10.09
C PRO A 485 37.56 14.25 8.57
N LYS A 486 37.02 13.11 8.11
CA LYS A 486 36.91 12.77 6.70
C LYS A 486 35.94 13.72 6.00
N VAL A 487 34.90 14.17 6.72
CA VAL A 487 33.90 15.07 6.17
C VAL A 487 34.55 16.41 5.84
N LEU A 488 35.27 16.97 6.83
CA LEU A 488 35.85 18.29 6.71
C LEU A 488 36.91 18.29 5.61
N ALA A 489 37.70 17.22 5.56
CA ALA A 489 38.79 17.08 4.61
C ALA A 489 38.33 17.43 3.19
N MET A 490 37.01 17.35 2.96
CA MET A 490 36.43 17.57 1.64
C MET A 490 36.42 19.05 1.29
N SER A 491 36.72 19.90 2.28
CA SER A 491 36.79 21.34 2.06
C SER A 491 37.88 21.66 1.03
N GLY A 492 38.82 20.71 0.87
CA GLY A 492 39.99 20.92 0.02
C GLY A 492 39.89 20.18 -1.31
N ASP A 493 38.66 19.85 -1.70
CA ASP A 493 38.40 19.14 -2.94
C ASP A 493 38.45 20.13 -4.11
N PRO A 494 39.22 19.82 -5.18
CA PRO A 494 39.31 20.67 -6.37
C PRO A 494 37.96 21.09 -6.96
N ASN A 495 37.02 20.15 -7.04
CA ASN A 495 35.69 20.41 -7.55
C ASN A 495 34.84 21.02 -6.44
N TYR A 496 34.11 22.10 -6.77
CA TYR A 496 33.45 22.92 -5.78
C TYR A 496 32.20 22.23 -5.24
N LEU A 497 31.70 21.24 -5.98
CA LEU A 497 30.47 20.57 -5.63
C LEU A 497 30.69 19.65 -4.44
N HIS A 498 31.90 19.13 -4.31
CA HIS A 498 32.27 18.33 -3.16
C HIS A 498 32.51 19.24 -1.96
N ARG A 499 33.11 20.41 -2.21
CA ARG A 499 33.31 21.40 -1.16
C ARG A 499 31.95 21.81 -0.60
N MET A 500 31.02 22.08 -1.53
CA MET A 500 29.66 22.50 -1.22
C MET A 500 29.00 21.43 -0.34
N THR A 501 29.25 20.15 -0.67
CA THR A 501 28.70 19.03 0.05
C THR A 501 29.14 19.06 1.52
N THR A 502 30.36 19.54 1.76
CA THR A 502 30.93 19.60 3.10
C THR A 502 30.07 20.51 3.97
N LEU A 503 29.68 21.66 3.42
CA LEU A 503 28.85 22.61 4.13
C LEU A 503 27.50 21.96 4.48
N PHE A 504 26.92 21.24 3.50
CA PHE A 504 25.62 20.62 3.68
C PHE A 504 25.69 19.58 4.80
N CYS A 505 26.77 18.80 4.81
CA CYS A 505 27.06 17.83 5.85
C CYS A 505 27.11 18.52 7.21
N ILE A 506 27.81 19.65 7.27
CA ILE A 506 28.06 20.39 8.49
C ILE A 506 26.73 20.85 9.10
N ASN A 507 25.78 21.22 8.24
CA ASN A 507 24.46 21.64 8.68
C ASN A 507 23.80 20.51 9.48
N VAL A 508 23.70 19.33 8.86
CA VAL A 508 22.92 18.23 9.41
C VAL A 508 23.64 17.59 10.59
N LEU A 509 24.96 17.80 10.68
CA LEU A 509 25.77 17.18 11.72
C LEU A 509 25.81 18.03 12.98
N SER A 510 25.77 19.36 12.80
CA SER A 510 25.96 20.30 13.89
C SER A 510 24.90 20.13 14.98
N GLU A 511 23.71 19.66 14.57
CA GLU A 511 22.55 19.59 15.43
C GLU A 511 22.68 18.41 16.39
N VAL A 512 23.35 17.34 15.95
CA VAL A 512 23.40 16.10 16.69
C VAL A 512 24.75 15.95 17.41
N CYS A 513 25.63 16.95 17.26
CA CYS A 513 27.00 16.84 17.72
C CYS A 513 27.29 17.75 18.91
N GLY A 514 26.30 18.56 19.29
CA GLY A 514 26.40 19.39 20.49
C GLY A 514 26.93 20.78 20.19
N GLN A 515 27.75 21.30 21.12
CA GLN A 515 28.27 22.65 21.00
C GLN A 515 29.79 22.61 20.84
N ASP A 516 30.46 21.83 21.70
CA ASP A 516 31.91 21.84 21.81
C ASP A 516 32.55 21.38 20.50
N ILE A 517 31.94 20.38 19.85
CA ILE A 517 32.48 19.77 18.64
C ILE A 517 32.16 20.65 17.44
N THR A 518 31.01 21.33 17.50
CA THR A 518 30.54 22.23 16.45
C THR A 518 31.36 23.52 16.46
N THR A 519 31.76 23.97 17.66
CA THR A 519 32.44 25.24 17.82
C THR A 519 33.91 25.09 17.49
N LYS A 520 34.52 23.98 17.94
CA LYS A 520 35.97 23.87 17.99
C LYS A 520 36.53 23.20 16.74
N HIS A 521 35.69 22.45 16.01
CA HIS A 521 36.14 21.71 14.84
C HIS A 521 35.43 22.15 13.57
N MET A 522 34.09 22.21 13.63
CA MET A 522 33.26 22.38 12.45
C MET A 522 33.25 23.84 12.00
N LEU A 523 33.07 24.76 12.95
CA LEU A 523 32.95 26.19 12.66
C LEU A 523 34.23 26.72 11.98
N PRO A 524 35.45 26.36 12.44
CA PRO A 524 36.68 26.80 11.79
C PRO A 524 36.71 26.60 10.28
N THR A 525 36.29 25.41 9.83
CA THR A 525 36.35 25.00 8.44
C THR A 525 35.27 25.72 7.63
N VAL A 526 34.15 26.04 8.28
CA VAL A 526 33.08 26.80 7.63
C VAL A 526 33.63 28.16 7.23
N LEU A 527 34.26 28.83 8.21
CA LEU A 527 34.67 30.22 8.11
C LEU A 527 35.76 30.36 7.05
N ARG A 528 36.69 29.38 7.00
CA ARG A 528 37.76 29.43 6.03
C ARG A 528 37.19 29.45 4.61
N MET A 529 36.08 28.71 4.42
CA MET A 529 35.52 28.48 3.11
C MET A 529 34.86 29.74 2.56
N ALA A 530 34.89 30.83 3.36
CA ALA A 530 34.22 32.06 2.99
C ALA A 530 34.99 32.80 1.90
N GLY A 531 36.26 32.45 1.72
CA GLY A 531 37.11 33.08 0.72
C GLY A 531 37.25 32.25 -0.55
N ASP A 532 36.42 31.19 -0.64
CA ASP A 532 36.35 30.28 -1.76
C ASP A 532 36.24 31.10 -3.06
N PRO A 533 36.99 30.76 -4.13
CA PRO A 533 36.94 31.52 -5.37
C PRO A 533 35.58 31.38 -6.07
N VAL A 534 34.97 30.20 -5.91
CA VAL A 534 33.67 29.90 -6.49
C VAL A 534 32.60 30.61 -5.66
N ALA A 535 31.93 31.56 -6.31
CA ALA A 535 30.86 32.35 -5.70
C ALA A 535 29.81 31.43 -5.08
N ASN A 536 29.55 30.33 -5.78
CA ASN A 536 28.50 29.36 -5.47
C ASN A 536 28.69 28.77 -4.08
N VAL A 537 29.95 28.73 -3.61
CA VAL A 537 30.28 28.13 -2.33
C VAL A 537 30.10 29.19 -1.24
N ARG A 538 30.60 30.39 -1.51
CA ARG A 538 30.65 31.47 -0.54
C ARG A 538 29.26 31.72 0.06
N PHE A 539 28.23 31.73 -0.80
CA PHE A 539 26.88 31.99 -0.33
C PHE A 539 26.39 30.84 0.54
N ASN A 540 26.79 29.61 0.19
CA ASN A 540 26.43 28.44 0.96
C ASN A 540 27.21 28.42 2.28
N VAL A 541 28.21 29.31 2.39
CA VAL A 541 28.97 29.48 3.62
C VAL A 541 28.16 30.36 4.57
N ALA A 542 27.51 31.39 4.01
CA ALA A 542 26.62 32.26 4.77
C ALA A 542 25.39 31.49 5.21
N LYS A 543 24.72 30.86 4.25
CA LYS A 543 23.50 30.08 4.45
C LYS A 543 23.75 28.97 5.47
N SER A 544 25.00 28.51 5.55
CA SER A 544 25.41 27.46 6.46
C SER A 544 25.49 28.00 7.89
N LEU A 545 25.83 29.29 8.02
CA LEU A 545 26.05 29.89 9.33
C LEU A 545 24.72 30.10 10.06
N GLN A 546 23.65 30.32 9.29
CA GLN A 546 22.30 30.47 9.84
C GLN A 546 21.96 29.26 10.70
N LYS A 547 22.15 28.05 10.14
CA LYS A 547 21.65 26.82 10.74
C LYS A 547 22.53 26.39 11.92
N ILE A 548 23.77 26.89 11.98
CA ILE A 548 24.69 26.51 13.04
C ILE A 548 24.80 27.65 14.05
N GLY A 549 24.33 28.85 13.66
CA GLY A 549 24.34 30.02 14.51
C GLY A 549 23.79 29.74 15.90
N PRO A 550 22.51 29.33 16.03
CA PRO A 550 21.88 29.12 17.33
C PRO A 550 22.54 28.13 18.28
N ILE A 551 23.21 27.09 17.74
CA ILE A 551 23.81 26.08 18.60
C ILE A 551 25.23 26.48 19.01
N LEU A 552 25.55 27.77 18.82
CA LEU A 552 26.76 28.37 19.37
C LEU A 552 26.38 29.26 20.55
N ASP A 553 27.36 29.54 21.42
CA ASP A 553 27.19 30.47 22.52
C ASP A 553 27.36 31.90 22.01
N ASN A 554 26.72 32.85 22.70
CA ASN A 554 26.49 34.20 22.23
C ASN A 554 27.79 35.01 22.16
N SER A 555 28.90 34.39 22.56
CA SER A 555 30.20 35.04 22.56
C SER A 555 30.96 34.74 21.27
N THR A 556 30.89 33.49 20.79
CA THR A 556 31.59 33.05 19.59
C THR A 556 30.99 33.71 18.35
N LEU A 557 29.70 34.06 18.43
CA LEU A 557 28.99 34.76 17.36
C LEU A 557 29.53 36.18 17.22
N GLN A 558 29.75 36.83 18.37
CA GLN A 558 30.28 38.19 18.42
C GLN A 558 31.77 38.14 18.05
N SER A 559 32.44 37.05 18.44
CA SER A 559 33.86 36.86 18.26
C SER A 559 34.22 36.72 16.77
N GLU A 560 33.84 35.58 16.17
CA GLU A 560 34.43 35.13 14.92
C GLU A 560 33.39 34.96 13.82
N VAL A 561 32.10 34.98 14.19
CA VAL A 561 31.03 34.73 13.23
C VAL A 561 30.56 36.05 12.62
N LYS A 562 30.39 37.07 13.47
CA LYS A 562 29.88 38.37 13.07
C LYS A 562 30.82 39.07 12.08
N PRO A 563 32.15 39.07 12.30
CA PRO A 563 33.08 39.73 11.37
C PRO A 563 33.16 39.12 9.97
N ILE A 564 32.95 37.80 9.89
CA ILE A 564 33.03 37.08 8.63
C ILE A 564 31.75 37.34 7.82
N LEU A 565 30.61 37.36 8.51
CA LEU A 565 29.32 37.58 7.87
C LEU A 565 29.27 38.98 7.27
N GLU A 566 29.96 39.92 7.92
CA GLU A 566 30.01 41.31 7.47
C GLU A 566 30.89 41.43 6.23
N LYS A 567 31.94 40.60 6.17
CA LYS A 567 32.88 40.62 5.06
C LYS A 567 32.18 40.15 3.79
N LEU A 568 31.28 39.17 3.95
CA LEU A 568 30.60 38.51 2.85
C LEU A 568 29.57 39.44 2.22
N THR A 569 29.14 40.46 2.97
CA THR A 569 28.11 41.40 2.52
C THR A 569 28.72 42.43 1.58
N GLN A 570 30.05 42.52 1.57
CA GLN A 570 30.77 43.43 0.70
C GLN A 570 31.33 42.66 -0.49
N ASP A 571 30.63 41.59 -0.88
CA ASP A 571 31.09 40.66 -1.91
C ASP A 571 30.53 41.07 -3.27
N GLN A 572 31.26 40.70 -4.32
CA GLN A 572 31.00 41.14 -5.68
C GLN A 572 29.77 40.43 -6.26
N ASP A 573 29.38 39.32 -5.64
CA ASP A 573 28.28 38.50 -6.16
C ASP A 573 26.98 38.89 -5.47
N VAL A 574 25.93 39.01 -6.29
CA VAL A 574 24.63 39.51 -5.87
C VAL A 574 24.06 38.60 -4.77
N ASP A 575 24.02 37.29 -5.05
CA ASP A 575 23.31 36.36 -4.21
C ASP A 575 24.16 35.97 -2.99
N VAL A 576 25.46 36.26 -3.04
CA VAL A 576 26.31 35.97 -1.89
C VAL A 576 25.92 36.91 -0.75
N LYS A 577 25.93 38.22 -1.06
CA LYS A 577 25.72 39.26 -0.06
C LYS A 577 24.27 39.29 0.40
N TYR A 578 23.38 38.69 -0.41
CA TYR A 578 21.97 38.57 -0.06
C TYR A 578 21.83 37.67 1.17
N PHE A 579 22.25 36.40 1.03
CA PHE A 579 22.15 35.41 2.09
C PHE A 579 23.09 35.76 3.24
N ALA A 580 23.95 36.77 3.03
CA ALA A 580 25.00 37.12 3.96
C ALA A 580 24.48 38.02 5.09
N GLN A 581 23.76 39.08 4.70
CA GLN A 581 23.20 40.01 5.69
C GLN A 581 21.92 39.43 6.27
N GLU A 582 21.30 38.51 5.52
CA GLU A 582 20.09 37.82 5.94
C GLU A 582 20.44 36.81 7.04
N ALA A 583 21.74 36.66 7.31
CA ALA A 583 22.21 35.83 8.41
C ALA A 583 22.38 36.69 9.66
N LEU A 584 22.72 37.96 9.44
CA LEU A 584 22.84 38.97 10.50
C LEU A 584 21.44 39.36 10.97
N THR A 585 20.43 38.67 10.45
CA THR A 585 19.06 38.78 10.89
C THR A 585 18.92 38.10 12.25
N VAL A 586 19.71 37.04 12.46
CA VAL A 586 19.67 36.28 13.70
C VAL A 586 20.86 36.69 14.57
N LEU A 587 21.59 37.72 14.11
CA LEU A 587 22.68 38.34 14.87
C LEU A 587 22.13 39.58 15.56
N SER A 588 21.97 40.66 14.79
CA SER A 588 21.56 41.96 15.29
C SER A 588 20.14 42.29 14.80
#